data_7A4Y
#
_entry.id   7A4Y
#
_cell.length_a   72.450
_cell.length_b   72.450
_cell.length_c   193.800
_cell.angle_alpha   90.000
_cell.angle_beta   90.000
_cell.angle_gamma   120.000
#
_symmetry.space_group_name_H-M   'P 32 2 1'
#
loop_
_entity.id
_entity.type
_entity.pdbx_description
1 polymer 'Nanobody Nb34'
2 polymer 'Coiled-coil P6 peptide'
3 polymer 'Coiled-coil P5 peptide'
4 non-polymer 'SULFATE ION'
5 non-polymer 1,2-ETHANEDIOL
6 water water
#
loop_
_entity_poly.entity_id
_entity_poly.type
_entity_poly.pdbx_seq_one_letter_code
_entity_poly.pdbx_strand_id
1 'polypeptide(L)'
;QVQLQESGGGLVQPGGSLRLSCAASQFTFSSDWMYWVRQAPGKGLEWVSSISPGGAATAYAASVKGRFTISRDNAKNTLY
LQMNSLKSEDTAVYYCSKTRAGTGRGQGTQVTVSSGRYPYDVPDYGSGRAHHHHHH
;
A,B,C
2 'polypeptide(L)' (ACE)KNSELKEEIQQLEEENQQLEEKISELKYG(NH2) D
3 'polypeptide(L)' (ACE)ENSQLEEKISQLKQKNSELKEEIQQLEYG(NH2) E
#
# COMPACT_ATOMS: atom_id res chain seq x y z
N GLN A 3 -32.43 2.29 13.09
CA GLN A 3 -31.99 2.14 11.70
C GLN A 3 -31.04 3.25 11.24
N LEU A 4 -30.08 2.90 10.38
CA LEU A 4 -29.07 3.83 9.90
C LEU A 4 -28.87 3.60 8.41
N GLN A 5 -28.62 4.67 7.67
CA GLN A 5 -28.45 4.56 6.23
C GLN A 5 -27.30 5.46 5.81
N GLU A 6 -26.25 4.85 5.30
CA GLU A 6 -25.08 5.57 4.85
C GLU A 6 -25.27 5.95 3.39
N SER A 7 -24.63 7.03 2.98
CA SER A 7 -24.67 7.44 1.58
C SER A 7 -23.50 8.38 1.33
N GLY A 8 -23.32 8.71 0.05
CA GLY A 8 -22.26 9.59 -0.37
C GLY A 8 -21.06 8.90 -0.97
N GLY A 9 -21.03 7.56 -0.97
CA GLY A 9 -19.86 6.87 -1.47
C GLY A 9 -19.77 6.97 -2.99
N GLY A 10 -18.60 6.71 -3.50
CA GLY A 10 -18.39 6.79 -4.91
C GLY A 10 -17.00 6.51 -5.42
N LEU A 11 -16.80 6.81 -6.67
CA LEU A 11 -15.56 6.59 -7.33
C LEU A 11 -14.73 7.84 -7.33
N VAL A 12 -13.56 7.83 -6.76
CA VAL A 12 -12.76 9.02 -6.73
C VAL A 12 -11.35 8.75 -7.08
N GLN A 13 -10.68 9.78 -7.50
CA GLN A 13 -9.33 9.73 -7.88
C GLN A 13 -8.47 10.00 -6.72
N PRO A 14 -7.27 9.39 -6.69
CA PRO A 14 -6.31 9.58 -5.60
C PRO A 14 -6.08 11.05 -5.28
N GLY A 15 -6.26 11.43 -4.02
CA GLY A 15 -6.06 12.80 -3.61
C GLY A 15 -7.35 13.59 -3.64
N GLY A 16 -8.42 12.92 -3.97
CA GLY A 16 -9.70 13.52 -4.05
C GLY A 16 -10.45 13.43 -2.75
N SER A 17 -11.67 13.89 -2.72
CA SER A 17 -12.45 13.81 -1.54
C SER A 17 -13.90 13.52 -1.72
N LEU A 18 -14.52 13.09 -0.63
CA LEU A 18 -15.91 12.77 -0.55
C LEU A 18 -16.42 13.11 0.79
N ARG A 19 -17.70 13.25 0.88
CA ARG A 19 -18.42 13.54 2.13
C ARG A 19 -19.49 12.46 2.28
N LEU A 20 -19.35 11.65 3.33
CA LEU A 20 -20.34 10.63 3.64
C LEU A 20 -21.36 11.17 4.63
N SER A 21 -22.59 10.69 4.48
CA SER A 21 -23.70 11.04 5.34
C SER A 21 -24.30 9.76 5.87
N CYS A 22 -24.95 9.87 7.03
CA CYS A 22 -25.59 8.73 7.67
C CYS A 22 -26.85 9.24 8.35
N ALA A 23 -28.01 8.80 7.86
CA ALA A 23 -29.29 9.25 8.41
C ALA A 23 -29.77 8.26 9.47
N ALA A 24 -30.17 8.78 10.61
CA ALA A 24 -30.61 7.95 11.72
C ALA A 24 -32.11 8.12 11.92
N SER A 25 -32.83 7.01 12.08
CA SER A 25 -34.28 6.99 12.13
C SER A 25 -34.83 7.08 13.54
N GLN A 26 -34.06 6.66 14.54
CA GLN A 26 -34.55 6.66 15.91
C GLN A 26 -34.37 8.04 16.54
N PHE A 27 -35.29 8.38 17.43
CA PHE A 27 -35.25 9.65 18.16
C PHE A 27 -34.12 9.68 19.18
N THR A 28 -33.51 8.52 19.47
CA THR A 28 -32.42 8.40 20.42
C THR A 28 -31.07 8.92 19.90
N PHE A 29 -30.99 9.32 18.63
CA PHE A 29 -29.71 9.73 18.05
C PHE A 29 -29.01 10.80 18.87
N SER A 30 -29.77 11.78 19.37
N SER A 30 -29.77 11.78 19.37
CA SER A 30 -29.19 12.92 20.07
CA SER A 30 -29.19 12.92 20.07
C SER A 30 -28.39 12.50 21.30
C SER A 30 -28.39 12.50 21.30
N SER A 31 -28.74 11.38 21.93
CA SER A 31 -28.06 10.92 23.14
C SER A 31 -27.08 9.77 22.87
N ASP A 32 -26.69 9.54 21.61
CA ASP A 32 -25.84 8.40 21.25
C ASP A 32 -24.46 8.83 20.79
N TRP A 33 -23.45 8.16 21.33
CA TRP A 33 -22.15 8.17 20.68
C TRP A 33 -22.33 7.54 19.31
N MET A 34 -21.64 8.08 18.31
CA MET A 34 -21.71 7.53 16.96
C MET A 34 -20.31 7.39 16.38
N TYR A 35 -20.16 6.42 15.48
CA TYR A 35 -18.85 6.04 14.94
C TYR A 35 -18.93 5.80 13.45
N TRP A 36 -17.81 6.05 12.76
CA TRP A 36 -17.60 5.60 11.40
C TRP A 36 -16.59 4.46 11.45
N VAL A 37 -16.95 3.33 10.85
CA VAL A 37 -16.04 2.20 10.68
C VAL A 37 -16.01 1.85 9.21
N ARG A 38 -15.00 1.10 8.81
CA ARG A 38 -14.86 0.74 7.40
C ARG A 38 -14.31 -0.67 7.27
N GLN A 39 -14.62 -1.30 6.14
CA GLN A 39 -14.11 -2.62 5.84
C GLN A 39 -13.54 -2.62 4.41
N ALA A 40 -12.21 -2.73 4.30
CA ALA A 40 -11.51 -2.81 3.02
C ALA A 40 -11.52 -4.25 2.52
N PRO A 41 -11.31 -4.46 1.21
CA PRO A 41 -11.34 -5.82 0.66
C PRO A 41 -10.47 -6.77 1.46
N GLY A 42 -11.04 -7.91 1.82
CA GLY A 42 -10.28 -8.95 2.51
C GLY A 42 -9.79 -8.61 3.89
N LYS A 43 -10.30 -7.55 4.53
CA LYS A 43 -9.84 -7.17 5.86
C LYS A 43 -11.03 -7.11 6.80
N GLY A 44 -10.75 -7.01 8.09
CA GLY A 44 -11.81 -6.88 9.08
C GLY A 44 -12.33 -5.45 9.19
N LEU A 45 -13.32 -5.27 10.05
CA LEU A 45 -13.80 -3.93 10.32
C LEU A 45 -12.73 -3.15 11.06
N GLU A 46 -12.62 -1.87 10.73
CA GLU A 46 -11.58 -1.02 11.30
C GLU A 46 -12.22 0.28 11.72
N TRP A 47 -11.90 0.74 12.92
CA TRP A 47 -12.46 1.99 13.43
C TRP A 47 -11.85 3.17 12.69
N VAL A 48 -12.68 4.14 12.32
CA VAL A 48 -12.25 5.35 11.62
C VAL A 48 -12.29 6.58 12.53
N SER A 49 -13.46 6.86 13.13
N SER A 49 -13.47 6.87 13.12
CA SER A 49 -13.57 8.04 13.99
CA SER A 49 -13.63 8.06 13.95
C SER A 49 -14.79 7.86 14.91
C SER A 49 -14.80 7.86 14.90
N SER A 50 -14.83 8.69 15.95
CA SER A 50 -15.86 8.63 16.99
C SER A 50 -16.33 10.05 17.28
N ILE A 51 -17.61 10.18 17.66
CA ILE A 51 -18.14 11.50 18.04
C ILE A 51 -19.13 11.36 19.20
N SER A 52 -18.98 12.25 20.18
CA SER A 52 -19.82 12.27 21.36
C SER A 52 -21.21 12.79 21.02
N PRO A 53 -22.18 12.53 21.90
CA PRO A 53 -23.57 12.96 21.61
C PRO A 53 -23.71 14.43 21.25
N GLY A 54 -23.09 15.31 22.04
CA GLY A 54 -23.14 16.73 21.81
C GLY A 54 -22.14 17.26 20.80
N GLY A 55 -21.25 16.42 20.31
CA GLY A 55 -20.27 16.83 19.31
C GLY A 55 -19.00 17.42 19.87
N ALA A 56 -18.88 17.59 21.19
CA ALA A 56 -17.74 18.26 21.81
C ALA A 56 -16.48 17.40 21.87
N ALA A 57 -16.58 16.08 21.74
CA ALA A 57 -15.41 15.21 21.77
C ALA A 57 -15.40 14.34 20.53
N THR A 58 -14.25 14.30 19.86
CA THR A 58 -14.05 13.47 18.68
C THR A 58 -12.72 12.73 18.83
N ALA A 59 -12.58 11.62 18.11
CA ALA A 59 -11.33 10.88 18.03
C ALA A 59 -11.20 10.26 16.63
N TYR A 60 -9.97 10.00 16.20
CA TYR A 60 -9.67 9.56 14.83
C TYR A 60 -8.60 8.48 14.79
N ALA A 61 -8.75 7.52 13.87
CA ALA A 61 -7.62 6.62 13.60
C ALA A 61 -6.43 7.46 13.14
N ALA A 62 -5.24 7.07 13.56
CA ALA A 62 -4.04 7.83 13.21
C ALA A 62 -3.90 7.98 11.68
N SER A 63 -4.36 7.01 10.91
CA SER A 63 -4.22 7.10 9.46
C SER A 63 -5.14 8.14 8.82
N VAL A 64 -6.12 8.68 9.53
CA VAL A 64 -7.02 9.67 8.97
C VAL A 64 -6.97 10.99 9.70
N LYS A 65 -6.21 11.07 10.79
CA LYS A 65 -6.07 12.29 11.56
C LYS A 65 -5.56 13.42 10.67
N GLY A 66 -6.23 14.56 10.69
CA GLY A 66 -5.82 15.70 9.90
C GLY A 66 -6.35 15.73 8.48
N ARG A 67 -6.97 14.67 8.00
CA ARG A 67 -7.58 14.67 6.67
C ARG A 67 -9.05 14.27 6.67
N PHE A 68 -9.55 13.60 7.71
CA PHE A 68 -10.97 13.29 7.88
C PHE A 68 -11.54 14.15 9.01
N THR A 69 -12.83 14.50 8.91
CA THR A 69 -13.54 15.22 9.98
C THR A 69 -14.91 14.59 10.21
N ILE A 70 -15.15 14.12 11.41
CA ILE A 70 -16.47 13.64 11.79
C ILE A 70 -17.27 14.82 12.36
N SER A 71 -18.57 14.86 12.05
CA SER A 71 -19.46 15.86 12.63
C SER A 71 -20.89 15.30 12.62
N ARG A 72 -21.78 15.98 13.33
CA ARG A 72 -23.15 15.52 13.45
C ARG A 72 -24.09 16.71 13.56
N ASP A 73 -25.30 16.56 13.05
CA ASP A 73 -26.37 17.54 13.19
C ASP A 73 -27.55 16.84 13.88
N ASN A 74 -27.70 17.05 15.20
CA ASN A 74 -28.72 16.30 15.92
C ASN A 74 -30.13 16.73 15.54
N ALA A 75 -30.31 17.97 15.08
CA ALA A 75 -31.64 18.40 14.66
C ALA A 75 -32.09 17.69 13.38
N LYS A 76 -31.14 17.26 12.55
CA LYS A 76 -31.43 16.50 11.34
C LYS A 76 -31.15 15.02 11.51
N ASN A 77 -30.74 14.60 12.71
CA ASN A 77 -30.43 13.19 13.02
C ASN A 77 -29.46 12.59 11.99
N THR A 78 -28.46 13.38 11.59
CA THR A 78 -27.52 12.99 10.55
C THR A 78 -26.08 13.04 11.05
N LEU A 79 -25.31 12.03 10.67
CA LEU A 79 -23.88 11.96 10.95
C LEU A 79 -23.12 12.18 9.65
N TYR A 80 -21.97 12.87 9.72
CA TYR A 80 -21.22 13.20 8.51
C TYR A 80 -19.76 12.77 8.64
N LEU A 81 -19.12 12.49 7.49
CA LEU A 81 -17.67 12.28 7.44
C LEU A 81 -17.12 12.97 6.22
N GLN A 82 -16.24 13.93 6.40
CA GLN A 82 -15.58 14.62 5.33
C GLN A 82 -14.22 14.01 5.19
N MET A 83 -13.95 13.49 4.01
CA MET A 83 -12.71 12.79 3.77
C MET A 83 -11.95 13.46 2.71
N ASN A 84 -10.70 13.73 2.95
CA ASN A 84 -9.84 14.35 1.98
C ASN A 84 -8.61 13.54 1.79
N SER A 85 -7.88 13.86 0.75
CA SER A 85 -6.67 13.21 0.37
C SER A 85 -6.76 11.73 0.36
N LEU A 86 -7.75 11.25 -0.34
CA LEU A 86 -8.01 9.86 -0.43
C LEU A 86 -7.03 9.13 -1.28
N LYS A 87 -6.63 7.96 -0.82
CA LYS A 87 -5.71 7.11 -1.49
C LYS A 87 -6.32 5.75 -1.73
N SER A 88 -5.70 4.94 -2.57
CA SER A 88 -6.26 3.64 -2.95
C SER A 88 -6.52 2.75 -1.74
N GLU A 89 -5.67 2.82 -0.70
CA GLU A 89 -5.86 2.07 0.55
C GLU A 89 -7.04 2.54 1.37
N ASP A 90 -7.66 3.67 1.02
CA ASP A 90 -8.88 4.11 1.67
C ASP A 90 -10.11 3.43 1.08
N THR A 91 -9.96 2.67 0.00
CA THR A 91 -11.05 1.94 -0.62
C THR A 91 -11.67 0.93 0.34
N ALA A 92 -12.98 1.03 0.55
CA ALA A 92 -13.67 0.19 1.52
C ALA A 92 -15.16 0.49 1.48
N VAL A 93 -15.94 -0.37 2.15
CA VAL A 93 -17.31 -0.04 2.51
C VAL A 93 -17.28 0.68 3.84
N TYR A 94 -17.90 1.85 3.88
CA TYR A 94 -17.95 2.65 5.09
C TYR A 94 -19.31 2.52 5.75
N TYR A 95 -19.31 2.37 7.07
CA TYR A 95 -20.53 2.22 7.85
C TYR A 95 -20.53 3.22 8.98
N CYS A 96 -21.72 3.68 9.34
CA CYS A 96 -21.89 4.36 10.61
C CYS A 96 -22.44 3.35 11.61
N SER A 97 -22.11 3.53 12.88
CA SER A 97 -22.47 2.53 13.85
C SER A 97 -22.59 3.17 15.22
N LYS A 98 -23.23 2.45 16.13
CA LYS A 98 -23.44 2.88 17.50
C LYS A 98 -22.35 2.37 18.43
N THR A 99 -21.42 1.55 17.93
CA THR A 99 -20.26 1.13 18.69
C THR A 99 -19.00 1.22 17.84
N ARG A 100 -17.86 1.32 18.51
CA ARG A 100 -16.58 1.38 17.84
C ARG A 100 -16.30 0.09 17.08
N ALA A 101 -16.90 -1.03 17.50
CA ALA A 101 -16.71 -2.30 16.83
C ALA A 101 -17.61 -2.48 15.61
N GLY A 102 -18.54 -1.55 15.38
CA GLY A 102 -19.39 -1.61 14.21
C GLY A 102 -20.69 -2.36 14.36
N THR A 103 -21.10 -2.71 15.57
CA THR A 103 -22.40 -3.34 15.75
C THR A 103 -23.51 -2.30 15.55
N GLY A 104 -24.60 -2.72 14.92
CA GLY A 104 -25.68 -1.81 14.62
C GLY A 104 -25.44 -0.90 13.44
N ARG A 105 -24.71 -1.37 12.43
CA ARG A 105 -24.39 -0.56 11.26
C ARG A 105 -25.47 -0.67 10.18
N GLY A 106 -25.52 0.33 9.31
CA GLY A 106 -26.40 0.29 8.16
C GLY A 106 -25.85 -0.63 7.07
N GLN A 107 -26.38 -0.46 5.86
CA GLN A 107 -25.90 -1.26 4.73
C GLN A 107 -24.55 -0.78 4.21
N GLY A 108 -24.10 0.38 4.64
CA GLY A 108 -22.82 0.91 4.23
C GLY A 108 -22.91 1.58 2.87
N THR A 109 -21.85 2.32 2.55
CA THR A 109 -21.68 2.94 1.26
C THR A 109 -20.21 2.77 0.88
N GLN A 110 -19.94 2.39 -0.37
CA GLN A 110 -18.57 2.03 -0.78
C GLN A 110 -17.81 3.25 -1.29
N VAL A 111 -16.58 3.46 -0.79
CA VAL A 111 -15.66 4.45 -1.33
C VAL A 111 -14.61 3.69 -2.15
N THR A 112 -14.48 4.07 -3.38
CA THR A 112 -13.57 3.43 -4.29
C THR A 112 -12.58 4.39 -4.85
N VAL A 113 -11.33 4.22 -4.52
CA VAL A 113 -10.32 5.09 -5.02
C VAL A 113 -9.32 4.45 -5.92
N SER A 114 -9.31 4.81 -7.17
CA SER A 114 -8.32 4.32 -8.10
C SER A 114 -8.20 5.27 -9.27
N SER A 115 -7.07 5.23 -9.95
CA SER A 115 -6.88 6.10 -11.11
C VAL B 2 -4.86 -1.04 -7.03
N GLN B 3 -4.15 -1.50 -5.99
CA GLN B 3 -2.78 -1.09 -5.76
C GLN B 3 -2.25 -2.01 -4.67
N LEU B 4 -0.91 -2.10 -4.57
CA LEU B 4 -0.24 -3.23 -3.93
C LEU B 4 0.85 -2.79 -2.97
N GLN B 5 1.06 -3.58 -1.93
CA GLN B 5 2.15 -3.34 -0.98
C GLN B 5 2.73 -4.68 -0.57
N GLU B 6 4.04 -4.83 -0.78
CA GLU B 6 4.77 -6.07 -0.51
C GLU B 6 5.32 -6.11 0.92
N SER B 7 5.51 -7.34 1.41
CA SER B 7 6.10 -7.59 2.72
C SER B 7 6.52 -9.07 2.77
N GLY B 8 7.22 -9.42 3.86
CA GLY B 8 7.70 -10.76 4.11
C GLY B 8 9.18 -10.98 3.86
N GLY B 9 9.88 -9.98 3.36
CA GLY B 9 11.28 -10.13 3.06
C GLY B 9 12.16 -10.18 4.30
N GLY B 10 13.42 -10.50 4.07
CA GLY B 10 14.40 -10.49 5.15
C GLY B 10 15.73 -11.02 4.64
N LEU B 11 16.63 -11.24 5.59
CA LEU B 11 17.95 -11.79 5.30
C LEU B 11 17.98 -13.23 5.81
N VAL B 12 18.31 -14.15 4.91
CA VAL B 12 18.28 -15.58 5.19
C VAL B 12 19.55 -16.21 4.63
N GLN B 13 19.87 -17.39 5.15
CA GLN B 13 21.03 -18.16 4.71
C GLN B 13 20.69 -18.98 3.47
N PRO B 14 21.69 -19.32 2.64
CA PRO B 14 21.41 -20.14 1.45
C PRO B 14 20.80 -21.48 1.85
N GLY B 15 19.78 -21.89 1.11
CA GLY B 15 18.99 -23.05 1.43
C GLY B 15 17.79 -22.75 2.31
N GLY B 16 17.67 -21.52 2.81
CA GLY B 16 16.58 -21.16 3.68
C GLY B 16 15.32 -20.87 2.87
N SER B 17 14.29 -20.41 3.58
CA SER B 17 13.04 -20.09 2.94
C SER B 17 12.47 -18.79 3.50
N LEU B 18 11.58 -18.19 2.71
CA LEU B 18 10.85 -16.99 3.07
C LEU B 18 9.50 -17.04 2.37
N ARG B 19 8.53 -16.36 2.97
CA ARG B 19 7.19 -16.28 2.38
C ARG B 19 6.86 -14.81 2.24
N LEU B 20 6.73 -14.35 1.01
CA LEU B 20 6.38 -12.99 0.72
C LEU B 20 4.87 -12.84 0.63
N SER B 21 4.39 -11.67 1.01
CA SER B 21 2.98 -11.36 0.97
C SER B 21 2.78 -10.07 0.20
N CYS B 22 1.61 -9.95 -0.40
CA CYS B 22 1.28 -8.76 -1.18
C CYS B 22 -0.19 -8.47 -0.99
N ALA B 23 -0.50 -7.36 -0.32
CA ALA B 23 -1.87 -6.95 -0.03
C ALA B 23 -2.34 -5.97 -1.09
N ALA B 24 -3.55 -6.22 -1.61
CA ALA B 24 -4.17 -5.39 -2.64
C ALA B 24 -5.39 -4.67 -2.08
N SER B 25 -5.55 -3.40 -2.45
CA SER B 25 -6.56 -2.51 -1.93
C SER B 25 -7.90 -2.53 -2.68
N GLN B 26 -7.95 -3.03 -3.92
CA GLN B 26 -9.18 -3.01 -4.74
C GLN B 26 -10.08 -4.23 -4.55
N PHE B 27 -11.39 -4.01 -4.72
CA PHE B 27 -12.34 -5.11 -4.67
C PHE B 27 -12.25 -6.01 -5.91
N THR B 28 -11.65 -5.53 -7.02
CA THR B 28 -11.46 -6.27 -8.27
C THR B 28 -10.26 -7.22 -8.25
N PHE B 29 -9.51 -7.26 -7.15
CA PHE B 29 -8.33 -8.11 -7.05
C PHE B 29 -8.63 -9.54 -7.47
N SER B 30 -9.73 -10.09 -6.97
CA SER B 30 -10.06 -11.49 -7.21
C SER B 30 -10.20 -11.82 -8.70
N SER B 31 -10.35 -10.83 -9.57
N SER B 31 -10.35 -10.83 -9.57
CA SER B 31 -10.48 -11.08 -10.99
CA SER B 31 -10.49 -11.08 -11.00
C SER B 31 -9.27 -10.61 -11.78
C SER B 31 -9.22 -10.80 -11.79
N ASP B 32 -8.13 -10.42 -11.13
CA ASP B 32 -6.89 -10.00 -11.79
C ASP B 32 -5.88 -11.12 -11.82
N TRP B 33 -5.22 -11.29 -12.99
CA TRP B 33 -3.95 -12.01 -12.99
C TRP B 33 -2.96 -11.28 -12.09
N MET B 34 -2.14 -12.04 -11.38
CA MET B 34 -1.14 -11.43 -10.52
C MET B 34 0.22 -12.06 -10.77
N TYR B 35 1.26 -11.27 -10.52
CA TYR B 35 2.64 -11.62 -10.87
C TYR B 35 3.58 -11.22 -9.76
N TRP B 36 4.70 -11.94 -9.67
CA TRP B 36 5.86 -11.51 -8.90
C TRP B 36 6.99 -11.19 -9.87
N VAL B 37 7.64 -10.04 -9.68
CA VAL B 37 8.86 -9.69 -10.41
C VAL B 37 9.92 -9.33 -9.38
N ARG B 38 11.17 -9.32 -9.82
CA ARG B 38 12.26 -9.00 -8.92
C ARG B 38 13.32 -8.21 -9.66
N GLN B 39 14.07 -7.42 -8.90
CA GLN B 39 15.14 -6.58 -9.43
C GLN B 39 16.37 -6.75 -8.56
N ALA B 40 17.41 -7.35 -9.13
CA ALA B 40 18.70 -7.52 -8.48
C ALA B 40 19.54 -6.26 -8.65
N PRO B 41 20.57 -6.07 -7.82
CA PRO B 41 21.39 -4.87 -7.93
C PRO B 41 21.89 -4.61 -9.35
N GLY B 42 21.62 -3.40 -9.84
CA GLY B 42 22.13 -2.98 -11.15
C GLY B 42 21.55 -3.69 -12.35
N LYS B 43 20.46 -4.43 -12.20
CA LYS B 43 19.84 -5.14 -13.30
C LYS B 43 18.38 -4.69 -13.43
N GLY B 44 17.75 -5.05 -14.54
CA GLY B 44 16.36 -4.68 -14.78
C GLY B 44 15.38 -5.54 -14.05
N LEU B 45 14.09 -5.21 -14.22
CA LEU B 45 13.07 -6.04 -13.62
C LEU B 45 13.01 -7.38 -14.34
N GLU B 46 12.78 -8.43 -13.57
CA GLU B 46 12.78 -9.78 -14.09
C GLU B 46 11.52 -10.47 -13.59
N TRP B 47 10.82 -11.12 -14.52
CA TRP B 47 9.62 -11.86 -14.17
C TRP B 47 9.99 -13.10 -13.37
N VAL B 48 9.25 -13.32 -12.28
CA VAL B 48 9.45 -14.48 -11.42
C VAL B 48 8.30 -15.49 -11.55
N SER B 49 7.05 -15.00 -11.55
CA SER B 49 5.93 -15.91 -11.38
C SER B 49 4.61 -15.24 -11.75
N SER B 50 3.63 -16.08 -12.10
CA SER B 50 2.32 -15.66 -12.59
C SER B 50 1.26 -16.56 -11.97
N ILE B 51 0.08 -16.00 -11.71
CA ILE B 51 -1.03 -16.80 -11.21
C ILE B 51 -2.33 -16.24 -11.77
N SER B 52 -3.22 -17.14 -12.22
CA SER B 52 -4.51 -16.75 -12.75
C SER B 52 -5.42 -16.21 -11.63
N PRO B 53 -6.50 -15.48 -12.00
CA PRO B 53 -7.39 -14.89 -10.96
C PRO B 53 -7.85 -15.87 -9.89
N GLY B 54 -8.33 -17.05 -10.29
CA GLY B 54 -8.78 -18.07 -9.38
C GLY B 54 -7.70 -18.98 -8.82
N GLY B 55 -6.45 -18.85 -9.29
CA GLY B 55 -5.35 -19.63 -8.75
C GLY B 55 -5.09 -20.99 -9.38
N ALA B 56 -5.91 -21.43 -10.34
CA ALA B 56 -5.73 -22.77 -10.90
C ALA B 56 -4.52 -22.88 -11.82
N ALA B 57 -4.01 -21.77 -12.36
CA ALA B 57 -2.87 -21.81 -13.28
C ALA B 57 -1.76 -20.94 -12.73
N THR B 58 -0.54 -21.49 -12.73
CA THR B 58 0.65 -20.80 -12.28
C THR B 58 1.73 -20.97 -13.34
N ALA B 59 2.70 -20.06 -13.36
CA ALA B 59 3.88 -20.18 -14.21
C ALA B 59 5.08 -19.57 -13.51
N TYR B 60 6.27 -20.04 -13.86
CA TYR B 60 7.49 -19.67 -13.16
C TYR B 60 8.64 -19.43 -14.13
N ALA B 61 9.45 -18.42 -13.84
CA ALA B 61 10.72 -18.29 -14.53
C ALA B 61 11.55 -19.56 -14.33
N ALA B 62 12.32 -19.90 -15.36
CA ALA B 62 13.09 -21.16 -15.36
C ALA B 62 14.01 -21.26 -14.14
N SER B 63 14.58 -20.13 -13.69
CA SER B 63 15.56 -20.16 -12.61
C SER B 63 14.94 -20.44 -11.23
N VAL B 64 13.62 -20.35 -11.09
CA VAL B 64 12.97 -20.57 -9.80
C VAL B 64 11.99 -21.72 -9.82
N LYS B 65 11.82 -22.38 -10.97
CA LYS B 65 10.96 -23.55 -11.10
C LYS B 65 11.33 -24.64 -10.11
N GLY B 66 10.32 -25.19 -9.46
CA GLY B 66 10.54 -26.24 -8.48
C GLY B 66 10.93 -25.76 -7.09
N ARG B 67 11.26 -24.48 -6.91
CA ARG B 67 11.63 -23.99 -5.59
C ARG B 67 10.73 -22.88 -5.07
N PHE B 68 10.06 -22.13 -5.94
CA PHE B 68 9.11 -21.10 -5.53
C PHE B 68 7.70 -21.59 -5.81
N THR B 69 6.75 -21.17 -4.97
CA THR B 69 5.35 -21.46 -5.22
C THR B 69 4.56 -20.18 -5.05
N ILE B 70 3.86 -19.78 -6.11
CA ILE B 70 2.96 -18.64 -6.06
C ILE B 70 1.56 -19.14 -5.70
N SER B 71 0.86 -18.38 -4.87
CA SER B 71 -0.50 -18.69 -4.45
C SER B 71 -1.23 -17.41 -4.09
N ARG B 72 -2.55 -17.54 -3.90
CA ARG B 72 -3.35 -16.36 -3.57
C ARG B 72 -4.50 -16.76 -2.67
N ASP B 73 -4.91 -15.82 -1.82
CA ASP B 73 -6.09 -15.98 -0.97
C ASP B 73 -7.01 -14.81 -1.33
N ASN B 74 -7.94 -15.05 -2.21
CA ASN B 74 -8.83 -14.05 -2.69
C ASN B 74 -9.77 -13.50 -1.62
N ALA B 75 -10.08 -14.26 -0.62
CA ALA B 75 -10.90 -13.80 0.50
C ALA B 75 -10.15 -12.79 1.37
N LYS B 76 -8.81 -12.84 1.34
CA LYS B 76 -7.94 -11.93 2.06
C LYS B 76 -7.28 -10.89 1.15
N ASN B 77 -7.64 -10.85 -0.14
CA ASN B 77 -7.01 -9.92 -1.09
C ASN B 77 -5.49 -9.97 -1.02
N THR B 78 -4.94 -11.16 -0.85
CA THR B 78 -3.50 -11.30 -0.62
C THR B 78 -2.87 -12.27 -1.61
N LEU B 79 -1.71 -11.89 -2.12
CA LEU B 79 -0.89 -12.72 -3.00
C LEU B 79 0.31 -13.23 -2.21
N TYR B 80 0.75 -14.46 -2.50
CA TYR B 80 1.86 -15.08 -1.79
C TYR B 80 2.93 -15.59 -2.76
N LEU B 81 4.17 -15.61 -2.27
CA LEU B 81 5.26 -16.29 -2.95
C LEU B 81 6.05 -17.04 -1.90
N GLN B 82 6.05 -18.36 -1.95
CA GLN B 82 6.80 -19.17 -1.02
C GLN B 82 8.08 -19.51 -1.67
N MET B 83 9.17 -19.13 -1.06
CA MET B 83 10.49 -19.29 -1.65
C MET B 83 11.28 -20.29 -0.83
N ASN B 84 11.57 -21.45 -1.41
CA ASN B 84 12.33 -22.48 -0.74
C ASN B 84 13.64 -22.69 -1.49
N SER B 85 14.57 -23.37 -0.81
CA SER B 85 15.88 -23.67 -1.36
C SER B 85 16.51 -22.42 -1.95
N LEU B 86 16.50 -21.35 -1.16
CA LEU B 86 16.96 -20.05 -1.63
C LEU B 86 18.44 -20.08 -1.97
N LYS B 87 18.81 -19.37 -3.03
CA LYS B 87 20.19 -19.25 -3.47
C LYS B 87 20.61 -17.79 -3.38
N SER B 88 21.92 -17.56 -3.33
CA SER B 88 22.43 -16.20 -3.21
C SER B 88 21.97 -15.31 -4.37
N GLU B 89 21.88 -15.89 -5.58
CA GLU B 89 21.40 -15.14 -6.75
C GLU B 89 19.92 -14.79 -6.66
N ASP B 90 19.19 -15.30 -5.67
CA ASP B 90 17.81 -14.88 -5.49
C ASP B 90 17.72 -13.53 -4.78
N THR B 91 18.85 -13.00 -4.32
CA THR B 91 18.89 -11.68 -3.68
C THR B 91 18.40 -10.61 -4.64
N ALA B 92 17.39 -9.87 -4.21
CA ALA B 92 16.75 -8.84 -5.02
C ALA B 92 15.69 -8.14 -4.18
N VAL B 93 15.18 -7.04 -4.72
CA VAL B 93 13.93 -6.45 -4.26
C VAL B 93 12.80 -7.13 -5.04
N TYR B 94 11.83 -7.70 -4.32
CA TYR B 94 10.71 -8.39 -4.95
C TYR B 94 9.46 -7.53 -4.91
N TYR B 95 8.71 -7.52 -6.02
CA TYR B 95 7.48 -6.76 -6.16
C TYR B 95 6.37 -7.66 -6.65
N CYS B 96 5.15 -7.36 -6.22
CA CYS B 96 3.98 -7.94 -6.88
C CYS B 96 3.47 -6.91 -7.88
N SER B 97 2.77 -7.40 -8.91
CA SER B 97 2.35 -6.50 -9.97
C SER B 97 1.18 -7.11 -10.73
N LYS B 98 0.53 -6.27 -11.52
CA LYS B 98 -0.60 -6.66 -12.32
C LYS B 98 -0.22 -7.04 -13.75
N THR B 99 1.04 -6.86 -14.15
CA THR B 99 1.53 -7.36 -15.44
C THR B 99 2.86 -8.05 -15.23
N ARG B 100 3.23 -8.86 -16.22
CA ARG B 100 4.50 -9.57 -16.20
C ARG B 100 5.68 -8.59 -16.18
N ALA B 101 5.48 -7.37 -16.67
CA ALA B 101 6.53 -6.36 -16.71
C ALA B 101 6.72 -5.60 -15.38
N GLY B 102 5.86 -5.81 -14.39
CA GLY B 102 6.01 -5.11 -13.13
C GLY B 102 5.18 -3.86 -12.98
N THR B 103 4.17 -3.67 -13.84
CA THR B 103 3.33 -2.50 -13.73
C THR B 103 2.45 -2.55 -12.47
N GLY B 104 2.32 -1.39 -11.81
CA GLY B 104 1.51 -1.27 -10.61
C GLY B 104 2.12 -1.81 -9.34
N ARG B 105 3.44 -1.81 -9.22
CA ARG B 105 4.07 -2.42 -8.07
C ARG B 105 4.10 -1.47 -6.87
N GLY B 106 4.20 -2.08 -5.69
CA GLY B 106 4.40 -1.35 -4.45
C GLY B 106 5.84 -0.92 -4.25
N GLN B 107 6.22 -0.73 -2.98
CA GLN B 107 7.58 -0.38 -2.61
C GLN B 107 8.55 -1.55 -2.68
N GLY B 108 8.04 -2.78 -2.77
CA GLY B 108 8.89 -3.95 -2.80
C GLY B 108 9.32 -4.36 -1.40
N THR B 109 9.88 -5.55 -1.32
CA THR B 109 10.44 -6.05 -0.08
C THR B 109 11.77 -6.71 -0.39
N GLN B 110 12.78 -6.43 0.44
CA GLN B 110 14.13 -6.88 0.16
C GLN B 110 14.31 -8.33 0.60
N VAL B 111 14.76 -9.16 -0.32
CA VAL B 111 15.21 -10.51 -0.02
C VAL B 111 16.72 -10.54 -0.21
N THR B 112 17.45 -10.90 0.85
CA THR B 112 18.90 -11.01 0.82
C THR B 112 19.27 -12.41 1.29
N VAL B 113 19.89 -13.18 0.40
CA VAL B 113 20.39 -14.53 0.74
C VAL B 113 21.90 -14.38 0.83
N SER B 114 22.44 -14.51 2.04
CA SER B 114 23.83 -14.17 2.29
C SER B 114 24.73 -15.37 2.02
N SER B 115 25.67 -15.20 1.09
CA SER B 115 26.69 -16.20 0.83
C SER B 115 27.78 -16.02 1.88
N GLY B 116 27.53 -16.56 3.07
CA GLY B 116 28.46 -16.41 4.17
C GLY B 116 28.25 -15.18 5.03
N ARG B 117 27.01 -14.75 5.20
CA ARG B 117 26.66 -13.62 6.08
C ARG B 117 27.45 -12.35 5.77
C VAL C 2 6.81 27.18 17.41
N GLN C 3 8.11 27.23 17.73
CA GLN C 3 9.16 27.10 16.74
C GLN C 3 9.61 25.65 16.61
N LEU C 4 10.05 25.30 15.40
CA LEU C 4 10.53 23.97 15.05
C LEU C 4 11.76 24.14 14.17
N GLN C 5 12.71 23.22 14.33
CA GLN C 5 13.94 23.26 13.56
C GLN C 5 14.34 21.83 13.20
N GLU C 6 14.38 21.55 11.90
CA GLU C 6 14.74 20.23 11.41
C GLU C 6 16.26 20.12 11.28
N SER C 7 16.76 18.89 11.38
CA SER C 7 18.18 18.61 11.19
C SER C 7 18.33 17.13 10.91
N GLY C 8 19.54 16.75 10.50
CA GLY C 8 19.87 15.37 10.20
C GLY C 8 19.93 15.03 8.73
N GLY C 9 19.56 15.95 7.85
CA GLY C 9 19.57 15.63 6.43
C GLY C 9 20.97 15.55 5.85
N GLY C 10 21.05 15.03 4.64
CA GLY C 10 22.34 14.92 3.98
C GLY C 10 22.23 14.18 2.66
N LEU C 11 23.40 13.84 2.12
CA LEU C 11 23.53 13.10 0.88
C LEU C 11 23.86 11.64 1.18
N VAL C 12 23.06 10.73 0.63
CA VAL C 12 23.24 9.30 0.85
C VAL C 12 23.09 8.53 -0.45
N GLN C 13 23.58 7.36 -0.43
CA GLN C 13 23.59 6.29 -1.41
C GLN C 13 22.27 5.53 -1.33
N PRO C 14 21.74 5.06 -2.45
CA PRO C 14 20.50 4.29 -2.41
C PRO C 14 20.67 3.06 -1.54
N GLY C 15 19.69 2.82 -0.68
CA GLY C 15 19.80 1.81 0.34
C GLY C 15 20.38 2.30 1.65
N GLY C 16 20.80 3.57 1.72
CA GLY C 16 21.39 4.10 2.92
C GLY C 16 20.34 4.48 3.95
N SER C 17 20.79 5.11 5.02
CA SER C 17 19.93 5.47 6.13
C SER C 17 20.28 6.86 6.63
N LEU C 18 19.27 7.58 7.11
CA LEU C 18 19.44 8.84 7.81
C LEU C 18 18.44 8.90 8.96
N ARG C 19 18.74 9.73 9.95
CA ARG C 19 17.82 9.98 11.05
C ARG C 19 17.61 11.48 11.18
N LEU C 20 16.39 11.95 10.91
CA LEU C 20 16.09 13.37 11.04
C LEU C 20 15.58 13.68 12.44
N SER C 21 15.89 14.89 12.90
CA SER C 21 15.46 15.38 14.20
C SER C 21 14.74 16.70 14.01
N CYS C 22 13.86 17.00 14.95
CA CYS C 22 13.11 18.24 14.90
C CYS C 22 12.93 18.72 16.33
N ALA C 23 13.58 19.81 16.66
CA ALA C 23 13.55 20.36 18.00
C ALA C 23 12.42 21.36 18.07
N ALA C 24 11.61 21.27 19.12
CA ALA C 24 10.47 22.17 19.31
C ALA C 24 10.77 23.09 20.48
N SER C 25 10.48 24.38 20.33
CA SER C 25 10.85 25.33 21.37
C SER C 25 9.77 25.52 22.41
N GLN C 26 8.60 25.01 22.10
CA GLN C 26 7.50 25.03 23.01
C GLN C 26 7.46 23.79 23.82
N PHE C 27 6.92 23.98 24.99
CA PHE C 27 6.65 22.96 25.98
C PHE C 27 5.28 22.33 25.77
N THR C 28 4.42 22.92 24.93
CA THR C 28 3.13 22.35 24.54
C THR C 28 3.31 21.15 23.62
N PHE C 29 4.57 20.87 23.26
CA PHE C 29 4.91 19.80 22.34
C PHE C 29 4.32 18.47 22.76
N SER C 30 4.31 18.18 24.06
CA SER C 30 3.91 16.86 24.54
C SER C 30 2.40 16.64 24.45
N SER C 31 1.62 17.68 24.24
CA SER C 31 0.19 17.57 24.05
C SER C 31 -0.21 17.51 22.58
N ASP C 32 0.74 17.65 21.66
CA ASP C 32 0.46 17.90 20.26
C ASP C 32 0.73 16.65 19.42
N TRP C 33 -0.20 16.34 18.53
CA TRP C 33 0.11 15.48 17.40
C TRP C 33 1.23 16.15 16.60
N MET C 34 2.13 15.35 16.04
CA MET C 34 3.20 15.88 15.21
C MET C 34 3.29 15.12 13.89
N TYR C 35 3.82 15.79 12.87
CA TYR C 35 3.84 15.27 11.51
C TYR C 35 5.16 15.55 10.83
N TRP C 36 5.53 14.67 9.90
CA TRP C 36 6.59 14.88 8.93
C TRP C 36 5.98 15.06 7.55
N VAL C 37 6.41 16.09 6.83
CA VAL C 37 6.03 16.29 5.44
C VAL C 37 7.31 16.49 4.62
N ARG C 38 7.19 16.34 3.31
CA ARG C 38 8.35 16.52 2.44
C ARG C 38 7.95 17.22 1.15
N GLN C 39 8.93 17.89 0.55
CA GLN C 39 8.74 18.67 -0.67
C GLN C 39 9.77 18.14 -1.66
N ALA C 40 9.29 17.34 -2.61
CA ALA C 40 10.12 16.72 -3.61
C ALA C 40 10.37 17.66 -4.79
N PRO C 41 11.44 17.42 -5.57
CA PRO C 41 11.80 18.36 -6.64
C PRO C 41 10.62 18.78 -7.50
N GLY C 42 10.41 20.10 -7.56
CA GLY C 42 9.38 20.72 -8.37
C GLY C 42 7.95 20.48 -7.93
N LYS C 43 7.72 19.95 -6.73
CA LYS C 43 6.37 19.64 -6.29
C LYS C 43 6.04 20.36 -4.98
N GLY C 44 4.75 20.33 -4.64
CA GLY C 44 4.27 20.84 -3.37
C GLY C 44 4.54 19.87 -2.24
N LEU C 45 4.09 20.23 -1.04
CA LEU C 45 4.27 19.37 0.12
C LEU C 45 3.44 18.09 0.01
N GLU C 46 3.98 17.01 0.56
CA GLU C 46 3.29 15.73 0.62
C GLU C 46 3.47 15.17 2.02
N TRP C 47 2.40 14.59 2.56
CA TRP C 47 2.44 14.03 3.91
C TRP C 47 3.29 12.77 3.92
N VAL C 48 4.13 12.63 4.96
CA VAL C 48 4.97 11.45 5.12
C VAL C 48 4.53 10.61 6.32
N SER C 49 4.25 11.25 7.47
CA SER C 49 3.97 10.46 8.66
C SER C 49 3.29 11.31 9.73
N SER C 50 2.53 10.63 10.59
CA SER C 50 1.85 11.24 11.74
C SER C 50 2.20 10.47 13.01
N ILE C 51 2.22 11.18 14.14
CA ILE C 51 2.43 10.54 15.44
C ILE C 51 1.59 11.24 16.49
N SER C 52 0.93 10.45 17.36
CA SER C 52 0.06 10.96 18.42
C SER C 52 0.87 11.60 19.53
N PRO C 53 0.23 12.37 20.42
CA PRO C 53 0.98 13.09 21.47
C PRO C 53 2.00 12.26 22.24
N GLY C 54 1.59 11.11 22.80
CA GLY C 54 2.48 10.22 23.53
C GLY C 54 3.28 9.24 22.69
N GLY C 55 3.02 9.18 21.38
CA GLY C 55 3.75 8.30 20.49
C GLY C 55 3.16 6.92 20.29
N ALA C 56 2.05 6.58 20.95
CA ALA C 56 1.52 5.22 20.86
C ALA C 56 0.85 4.91 19.53
N ALA C 57 0.45 5.93 18.76
CA ALA C 57 -0.23 5.74 17.49
C ALA C 57 0.53 6.49 16.40
N THR C 58 0.78 5.79 15.28
CA THR C 58 1.51 6.32 14.14
C THR C 58 0.80 5.95 12.83
N ALA C 59 1.10 6.71 11.78
CA ALA C 59 0.67 6.37 10.42
C ALA C 59 1.71 6.87 9.42
N TYR C 60 1.72 6.24 8.24
CA TYR C 60 2.75 6.49 7.22
C TYR C 60 2.17 6.53 5.83
N ALA C 61 2.67 7.44 5.00
CA ALA C 61 2.34 7.40 3.58
C ALA C 61 2.72 6.05 3.00
N ALA C 62 1.87 5.53 2.12
CA ALA C 62 2.10 4.19 1.58
C ALA C 62 3.48 4.06 0.96
N SER C 63 4.01 5.14 0.38
CA SER C 63 5.31 5.03 -0.27
C SER C 63 6.47 4.85 0.70
N VAL C 64 6.30 5.10 1.99
CA VAL C 64 7.39 4.98 2.95
C VAL C 64 7.11 3.98 4.07
N LYS C 65 5.98 3.28 4.03
CA LYS C 65 5.49 2.55 5.20
C LYS C 65 6.53 1.67 5.92
N GLY C 66 7.02 0.64 5.28
CA GLY C 66 7.96 -0.26 5.93
C GLY C 66 9.37 0.27 6.15
N ARG C 67 9.70 1.46 5.67
CA ARG C 67 11.08 1.93 5.68
C ARG C 67 11.34 3.14 6.57
N PHE C 68 10.33 3.93 6.90
CA PHE C 68 10.50 5.06 7.80
C PHE C 68 9.87 4.73 9.14
N THR C 69 10.43 5.27 10.21
CA THR C 69 9.84 5.16 11.55
C THR C 69 9.82 6.53 12.20
N ILE C 70 8.62 7.00 12.57
CA ILE C 70 8.45 8.24 13.31
C ILE C 70 8.45 7.93 14.80
N SER C 71 9.11 8.79 15.58
CA SER C 71 9.14 8.64 17.03
C SER C 71 9.33 10.03 17.64
N ARG C 72 9.19 10.08 18.95
CA ARG C 72 9.38 11.29 19.67
C ARG C 72 9.87 11.04 21.06
N ASP C 73 10.37 12.06 21.71
CA ASP C 73 10.85 11.98 23.05
C ASP C 73 10.36 13.22 23.63
N ASN C 74 9.33 13.14 24.43
CA ASN C 74 8.77 14.32 24.98
C ASN C 74 9.61 14.99 26.04
N ALA C 75 10.50 14.29 26.68
CA ALA C 75 11.35 14.91 27.66
C ALA C 75 12.27 15.86 26.96
N LYS C 76 12.83 15.41 25.85
CA LYS C 76 13.72 16.22 25.10
C LYS C 76 13.06 17.11 24.09
N ASN C 77 11.73 17.10 24.01
CA ASN C 77 10.96 17.88 23.06
C ASN C 77 11.44 17.70 21.65
N THR C 78 11.68 16.46 21.24
CA THR C 78 12.24 16.18 19.97
C THR C 78 11.54 15.11 19.20
N LEU C 79 11.27 15.40 17.96
CA LEU C 79 10.63 14.48 17.11
C LEU C 79 11.69 13.89 16.22
N TYR C 80 11.51 12.66 15.81
CA TYR C 80 12.48 11.94 15.00
C TYR C 80 11.78 11.30 13.81
N LEU C 81 12.56 11.11 12.74
CA LEU C 81 12.17 10.30 11.60
C LEU C 81 13.39 9.46 11.24
N GLN C 82 13.29 8.16 11.47
CA GLN C 82 14.33 7.23 11.07
C GLN C 82 14.00 6.72 9.69
N MET C 83 14.91 6.95 8.74
CA MET C 83 14.70 6.63 7.33
C MET C 83 15.71 5.57 6.96
N ASN C 84 15.24 4.42 6.56
CA ASN C 84 16.09 3.33 6.16
C ASN C 84 15.73 2.90 4.77
N SER C 85 16.54 2.05 4.19
CA SER C 85 16.32 1.56 2.84
C SER C 85 15.95 2.70 1.89
N LEU C 86 16.74 3.78 1.96
CA LEU C 86 16.42 4.99 1.21
C LEU C 86 16.51 4.79 -0.30
N LYS C 87 15.56 5.41 -1.01
CA LYS C 87 15.50 5.32 -2.45
C LYS C 87 15.60 6.71 -3.05
N SER C 88 15.91 6.74 -4.35
CA SER C 88 16.11 8.00 -5.06
C SER C 88 14.88 8.91 -4.97
N GLU C 89 13.69 8.31 -4.96
CA GLU C 89 12.45 9.09 -4.88
C GLU C 89 12.27 9.77 -3.54
N ASP C 90 13.08 9.45 -2.52
CA ASP C 90 12.97 10.11 -1.23
C ASP C 90 13.66 11.47 -1.18
N THR C 91 14.36 11.85 -2.26
CA THR C 91 15.01 13.16 -2.34
C THR C 91 13.98 14.26 -2.19
N ALA C 92 14.18 15.14 -1.21
CA ALA C 92 13.22 16.19 -0.92
C ALA C 92 13.78 17.05 0.19
N VAL C 93 13.15 18.19 0.38
CA VAL C 93 13.32 18.98 1.59
C VAL C 93 12.29 18.44 2.57
N TYR C 94 12.73 18.02 3.75
CA TYR C 94 11.85 17.45 4.76
C TYR C 94 11.55 18.46 5.85
N TYR C 95 10.30 18.50 6.29
CA TYR C 95 9.86 19.39 7.35
C TYR C 95 9.09 18.63 8.41
N CYS C 96 9.20 19.07 9.65
CA CYS C 96 8.26 18.65 10.68
C CYS C 96 7.17 19.72 10.79
N SER C 97 5.99 19.30 11.23
CA SER C 97 4.86 20.21 11.21
C SER C 97 3.92 19.89 12.36
N LYS C 98 3.14 20.89 12.70
CA LYS C 98 2.20 20.76 13.77
C LYS C 98 0.80 20.42 13.22
N THR C 99 0.67 20.33 11.88
CA THR C 99 -0.51 19.82 11.18
C THR C 99 -0.11 18.88 10.05
N ARG C 100 -1.05 18.03 9.63
CA ARG C 100 -0.80 17.12 8.52
C ARG C 100 -0.55 17.88 7.23
N ALA C 101 -1.08 19.09 7.12
CA ALA C 101 -0.95 19.86 5.89
C ALA C 101 0.41 20.56 5.75
N GLY C 102 1.23 20.54 6.79
CA GLY C 102 2.55 21.11 6.72
C GLY C 102 2.66 22.57 7.11
N THR C 103 1.61 23.17 7.63
CA THR C 103 1.68 24.53 8.16
C THR C 103 2.41 24.54 9.49
N GLY C 104 3.17 25.60 9.74
CA GLY C 104 3.90 25.70 10.99
C GLY C 104 5.17 24.88 11.02
N ARG C 105 5.82 24.73 9.88
CA ARG C 105 7.04 23.97 9.74
C ARG C 105 8.25 24.87 10.02
N GLY C 106 9.39 24.25 10.31
CA GLY C 106 10.63 25.00 10.33
C GLY C 106 11.11 25.23 8.90
N GLN C 107 12.39 25.58 8.76
CA GLN C 107 13.05 25.70 7.46
C GLN C 107 13.49 24.41 6.81
N GLY C 108 13.32 23.25 7.43
CA GLY C 108 13.56 22.01 6.72
C GLY C 108 15.02 21.59 6.65
N THR C 109 15.21 20.35 6.20
CA THR C 109 16.53 19.77 6.01
C THR C 109 16.56 18.99 4.70
N GLN C 110 17.64 19.14 3.94
CA GLN C 110 17.72 18.51 2.62
C GLN C 110 18.14 17.06 2.76
N VAL C 111 17.35 16.15 2.19
CA VAL C 111 17.74 14.75 2.00
C VAL C 111 17.97 14.53 0.51
N THR C 112 19.15 14.06 0.14
CA THR C 112 19.49 13.75 -1.24
C THR C 112 19.95 12.30 -1.33
N VAL C 113 19.22 11.48 -2.08
CA VAL C 113 19.57 10.09 -2.33
C VAL C 113 20.00 9.99 -3.78
N SER C 114 21.27 9.65 -4.00
CA SER C 114 21.84 9.64 -5.33
C SER C 114 23.08 8.77 -5.37
N SER C 115 23.13 7.85 -6.34
CA SER C 115 24.34 7.06 -6.59
C SER C 115 25.57 7.93 -6.87
N LYS D 2 19.26 -2.68 -25.88
CA LYS D 2 17.92 -3.00 -26.33
C LYS D 2 17.83 -4.43 -26.83
N ASN D 3 18.84 -4.88 -27.59
CA ASN D 3 18.86 -6.27 -28.08
C ASN D 3 18.70 -7.28 -26.95
N SER D 4 19.43 -7.06 -25.85
CA SER D 4 19.32 -7.95 -24.70
C SER D 4 17.92 -7.90 -24.08
N GLU D 5 17.36 -6.71 -23.92
CA GLU D 5 16.04 -6.59 -23.29
C GLU D 5 14.97 -7.28 -24.12
N LEU D 6 15.04 -7.14 -25.46
CA LEU D 6 14.11 -7.86 -26.33
C LEU D 6 14.26 -9.37 -26.14
N LYS D 7 15.51 -9.85 -26.11
CA LYS D 7 15.76 -11.29 -26.02
C LYS D 7 15.33 -11.85 -24.67
N GLU D 8 15.58 -11.12 -23.58
CA GLU D 8 15.06 -11.55 -22.28
C GLU D 8 13.54 -11.62 -22.30
N GLU D 9 12.89 -10.60 -22.84
CA GLU D 9 11.42 -10.58 -22.91
C GLU D 9 10.88 -11.77 -23.71
N ILE D 10 11.51 -12.10 -24.84
CA ILE D 10 11.07 -13.25 -25.61
C ILE D 10 11.16 -14.54 -24.79
N GLN D 11 12.25 -14.72 -24.05
CA GLN D 11 12.37 -15.89 -23.18
C GLN D 11 11.24 -15.92 -22.17
N GLN D 12 10.98 -14.78 -21.51
CA GLN D 12 9.88 -14.72 -20.54
C GLN D 12 8.58 -15.21 -21.17
N LEU D 13 8.25 -14.70 -22.35
CA LEU D 13 6.98 -15.05 -22.98
C LEU D 13 6.94 -16.52 -23.37
N GLU D 14 8.06 -17.05 -23.88
CA GLU D 14 8.09 -18.47 -24.26
C GLU D 14 7.88 -19.35 -23.05
N GLU D 15 8.60 -19.05 -21.97
CA GLU D 15 8.44 -19.81 -20.72
C GLU D 15 7.00 -19.74 -20.22
N GLU D 16 6.41 -18.54 -20.20
CA GLU D 16 5.06 -18.43 -19.66
C GLU D 16 4.04 -19.12 -20.55
N ASN D 17 4.15 -18.94 -21.87
CA ASN D 17 3.21 -19.55 -22.79
C ASN D 17 3.22 -21.07 -22.66
N GLN D 18 4.41 -21.65 -22.51
CA GLN D 18 4.50 -23.10 -22.47
C GLN D 18 3.84 -23.64 -21.20
N GLN D 19 4.10 -23.01 -20.07
CA GLN D 19 3.42 -23.43 -18.85
C GLN D 19 1.91 -23.22 -18.96
N LEU D 20 1.48 -22.09 -19.53
CA LEU D 20 0.05 -21.84 -19.66
C LEU D 20 -0.62 -22.85 -20.57
N GLU D 21 0.02 -23.18 -21.70
CA GLU D 21 -0.53 -24.18 -22.62
C GLU D 21 -0.65 -25.56 -21.96
N GLU D 22 0.36 -25.95 -21.17
CA GLU D 22 0.28 -27.22 -20.47
C GLU D 22 -0.91 -27.27 -19.52
N LYS D 23 -1.21 -26.15 -18.85
CA LYS D 23 -2.34 -26.17 -17.92
C LYS D 23 -3.67 -26.21 -18.67
N ILE D 24 -3.78 -25.43 -19.74
CA ILE D 24 -4.96 -25.49 -20.60
C ILE D 24 -5.23 -26.93 -21.04
N SER D 25 -4.18 -27.63 -21.46
CA SER D 25 -4.35 -29.00 -21.91
C SER D 25 -4.87 -29.91 -20.80
N GLU D 26 -4.35 -29.75 -19.58
CA GLU D 26 -4.87 -30.51 -18.46
C GLU D 26 -6.34 -30.17 -18.19
N LEU D 27 -6.68 -28.88 -18.23
CA LEU D 27 -8.05 -28.46 -17.94
C LEU D 27 -9.03 -28.92 -19.01
N LYS D 28 -8.56 -29.09 -20.24
CA LYS D 28 -9.44 -29.46 -21.35
C LYS D 28 -9.62 -30.96 -21.46
N TYR D 29 -8.56 -31.75 -21.26
CA TYR D 29 -8.58 -33.17 -21.57
C TYR D 29 -8.43 -34.08 -20.37
N GLY D 30 -8.11 -33.54 -19.19
CA GLY D 30 -8.01 -34.35 -17.99
C GLY D 30 -6.60 -34.57 -17.50
N GLU E 2 18.17 -7.38 -36.96
CA GLU E 2 17.63 -8.35 -36.02
C GLU E 2 16.52 -7.74 -35.15
N ASN E 3 16.74 -6.54 -34.62
CA ASN E 3 15.86 -6.01 -33.57
C ASN E 3 14.43 -5.85 -34.06
N SER E 4 14.24 -5.37 -35.29
CA SER E 4 12.88 -5.20 -35.79
C SER E 4 12.16 -6.54 -35.91
N GLN E 5 12.89 -7.60 -36.29
CA GLN E 5 12.23 -8.89 -36.48
C GLN E 5 11.85 -9.47 -35.14
N LEU E 6 12.74 -9.34 -34.17
CA LEU E 6 12.45 -9.81 -32.82
C LEU E 6 11.28 -9.04 -32.23
N GLU E 7 11.20 -7.74 -32.49
CA GLU E 7 10.09 -6.93 -32.01
C GLU E 7 8.77 -7.44 -32.57
N GLU E 8 8.76 -7.82 -33.85
CA GLU E 8 7.53 -8.35 -34.44
C GLU E 8 7.15 -9.66 -33.80
N LYS E 9 8.15 -10.50 -33.49
CA LYS E 9 7.85 -11.78 -32.85
C LYS E 9 7.31 -11.56 -31.43
N ILE E 10 7.86 -10.58 -30.71
CA ILE E 10 7.32 -10.24 -29.39
C ILE E 10 5.85 -9.87 -29.51
N SER E 11 5.50 -9.13 -30.55
CA SER E 11 4.11 -8.75 -30.77
C SER E 11 3.22 -9.99 -30.91
N GLN E 12 3.66 -10.97 -31.73
CA GLN E 12 2.88 -12.18 -31.89
C GLN E 12 2.84 -13.00 -30.61
N LEU E 13 3.93 -13.03 -29.85
CA LEU E 13 3.98 -13.81 -28.61
C LEU E 13 3.07 -13.20 -27.54
N LYS E 14 3.00 -11.87 -27.48
CA LYS E 14 2.12 -11.22 -26.51
C LYS E 14 0.67 -11.46 -26.87
N GLN E 15 0.37 -11.50 -28.17
CA GLN E 15 -0.98 -11.86 -28.61
C GLN E 15 -1.33 -13.28 -28.18
N LYS E 16 -0.48 -14.25 -28.50
CA LYS E 16 -0.72 -15.61 -28.01
C LYS E 16 -0.87 -15.62 -26.48
N ASN E 17 -0.06 -14.83 -25.78
CA ASN E 17 -0.08 -14.85 -24.32
C ASN E 17 -1.44 -14.40 -23.79
N SER E 18 -2.05 -13.39 -24.43
CA SER E 18 -3.37 -12.93 -23.99
C SER E 18 -4.43 -13.97 -24.27
N GLU E 19 -4.37 -14.63 -25.44
CA GLU E 19 -5.36 -15.65 -25.76
C GLU E 19 -5.29 -16.81 -24.78
N LEU E 20 -4.08 -17.18 -24.38
CA LEU E 20 -3.95 -18.28 -23.43
C LEU E 20 -4.50 -17.87 -22.06
N LYS E 21 -4.22 -16.64 -21.63
CA LYS E 21 -4.73 -16.18 -20.34
C LYS E 21 -6.25 -16.11 -20.34
N GLU E 22 -6.83 -15.64 -21.44
CA GLU E 22 -8.29 -15.63 -21.56
C GLU E 22 -8.85 -17.06 -21.56
N GLU E 23 -8.14 -17.98 -22.21
CA GLU E 23 -8.60 -19.36 -22.19
C GLU E 23 -8.57 -19.93 -20.78
N ILE E 24 -7.50 -19.65 -20.03
CA ILE E 24 -7.42 -20.11 -18.64
C ILE E 24 -8.62 -19.59 -17.84
N GLN E 25 -8.93 -18.30 -18.00
CA GLN E 25 -10.04 -17.71 -17.25
C GLN E 25 -11.36 -18.38 -17.60
N GLN E 26 -11.53 -18.76 -18.87
CA GLN E 26 -12.79 -19.39 -19.29
C GLN E 26 -12.92 -20.81 -18.75
N LEU E 27 -11.78 -21.48 -18.53
CA LEU E 27 -11.78 -22.86 -18.04
C LEU E 27 -11.84 -22.97 -16.52
N GLU E 28 -11.26 -22.03 -15.78
CA GLU E 28 -11.05 -22.24 -14.35
C GLU E 28 -12.30 -21.91 -13.53
N TYR E 29 -12.41 -22.58 -12.37
CA TYR E 29 -13.55 -22.40 -11.47
C TYR E 29 -13.75 -20.92 -11.14
N GLY E 30 -15.02 -20.54 -10.96
CA GLY E 30 -15.37 -19.17 -10.67
C GLY E 30 -15.38 -18.27 -11.90
#